data_1EIQ
#
_entry.id   1EIQ
#
_cell.length_a   121.890
_cell.length_b   121.890
_cell.length_c   108.800
_cell.angle_alpha   90.00
_cell.angle_beta   90.00
_cell.angle_gamma   90.00
#
_symmetry.space_group_name_H-M   'I 4 2 2'
#
loop_
_entity.id
_entity.type
_entity.pdbx_description
1 polymer 2,3-DIHYDROXYBIPHENYL-1,2-DIOXYGENASE
2 non-polymer 'FE (III) ION'
3 water water
#
_entity_poly.entity_id   1
_entity_poly.type   'polypeptide(L)'
_entity_poly.pdbx_seq_one_letter_code
;SIERLGYLGFAVKDVPAWDHFLTKSVGLMAAGSAGDAALYRADQRAWRIAVQPGELDDLAYAGLEVDDAAALERMADKLR
QAGVAFTRGDEALMQQRKVMGLLCLQDPFGLPLEIYYGPAEIFHEPFLPSAPVSGFVTGDQGIGHFVRCVPDTAKAMAFY
TEVLGFVLSDIIDIQMGPETSVPAHFLHCNGRHHTIALAAFPIPKRIHHFMLQANTIDDVGYAFDRLDAAGRITSLLGRH
TNDQTLSFYADTPSPMIEVEFGWGPRTVDSSWTVARHSRTAMWGHKSVRGQR
;
_entity_poly.pdbx_strand_id   A
#
loop_
_chem_comp.id
_chem_comp.type
_chem_comp.name
_chem_comp.formula
FE non-polymer 'FE (III) ION' 'Fe 3'
#
# COMPACT_ATOMS: atom_id res chain seq x y z
N SER A 1 -9.30 12.32 -8.02
CA SER A 1 -9.90 11.41 -9.04
C SER A 1 -9.69 9.91 -8.74
N ILE A 2 -8.47 9.51 -8.40
CA ILE A 2 -8.23 8.11 -8.02
C ILE A 2 -9.03 8.00 -6.70
N GLU A 3 -9.82 6.94 -6.54
CA GLU A 3 -10.64 6.80 -5.34
C GLU A 3 -9.96 6.11 -4.15
N ARG A 4 -9.16 5.10 -4.44
CA ARG A 4 -8.48 4.38 -3.37
C ARG A 4 -7.48 3.38 -3.97
N LEU A 5 -6.57 2.88 -3.12
CA LEU A 5 -5.60 1.89 -3.54
C LEU A 5 -6.29 0.54 -3.37
N GLY A 6 -6.53 -0.16 -4.47
CA GLY A 6 -7.22 -1.44 -4.40
C GLY A 6 -6.41 -2.72 -4.33
N TYR A 7 -5.22 -2.73 -4.93
CA TYR A 7 -4.42 -3.92 -4.89
C TYR A 7 -2.93 -3.69 -5.14
N LEU A 8 -2.12 -4.67 -4.77
CA LEU A 8 -0.68 -4.64 -4.94
C LEU A 8 -0.16 -5.96 -5.46
N GLY A 9 0.84 -5.87 -6.32
CA GLY A 9 1.45 -7.05 -6.89
C GLY A 9 2.93 -7.01 -6.59
N PHE A 10 3.48 -8.09 -6.06
CA PHE A 10 4.89 -8.16 -5.73
C PHE A 10 5.59 -9.20 -6.61
N ALA A 11 6.84 -8.93 -6.96
CA ALA A 11 7.67 -9.82 -7.76
C ALA A 11 8.79 -10.20 -6.81
N VAL A 12 8.81 -11.46 -6.35
CA VAL A 12 9.80 -11.86 -5.35
C VAL A 12 10.66 -13.09 -5.60
N LYS A 13 11.82 -13.12 -4.97
CA LYS A 13 12.75 -14.23 -5.11
C LYS A 13 12.33 -15.49 -4.35
N ASP A 14 11.56 -15.33 -3.28
CA ASP A 14 11.14 -16.49 -2.50
C ASP A 14 9.62 -16.49 -2.33
N VAL A 15 8.92 -17.12 -3.26
CA VAL A 15 7.47 -17.17 -3.21
C VAL A 15 6.97 -18.00 -2.03
N PRO A 16 7.61 -19.15 -1.76
CA PRO A 16 7.12 -19.93 -0.61
C PRO A 16 7.25 -19.15 0.70
N ALA A 17 8.29 -18.30 0.80
CA ALA A 17 8.52 -17.49 2.00
C ALA A 17 7.44 -16.42 2.11
N TRP A 18 7.09 -15.84 0.97
CA TRP A 18 6.06 -14.80 0.92
C TRP A 18 4.68 -15.36 1.19
N ASP A 19 4.43 -16.58 0.72
CA ASP A 19 3.14 -17.23 0.93
C ASP A 19 2.94 -17.49 2.42
N HIS A 20 3.97 -18.02 3.07
CA HIS A 20 3.90 -18.33 4.50
C HIS A 20 3.79 -17.04 5.30
N PHE A 21 4.56 -16.04 4.87
CA PHE A 21 4.58 -14.74 5.51
C PHE A 21 3.19 -14.10 5.51
N LEU A 22 2.60 -13.98 4.32
CA LEU A 22 1.27 -13.37 4.16
C LEU A 22 0.12 -14.11 4.81
N THR A 23 0.24 -15.43 4.90
CA THR A 23 -0.82 -16.24 5.50
C THR A 23 -0.62 -16.51 6.98
N LYS A 24 0.40 -17.28 7.30
CA LYS A 24 0.67 -17.65 8.69
C LYS A 24 1.00 -16.48 9.62
N SER A 25 1.75 -15.51 9.13
CA SER A 25 2.14 -14.35 9.93
C SER A 25 1.14 -13.20 9.87
N VAL A 26 0.93 -12.66 8.66
CA VAL A 26 0.01 -11.55 8.47
C VAL A 26 -1.45 -11.95 8.70
N GLY A 27 -1.83 -13.13 8.21
CA GLY A 27 -3.18 -13.61 8.40
C GLY A 27 -4.07 -13.55 7.16
N LEU A 28 -3.52 -13.16 6.02
CA LEU A 28 -4.31 -13.07 4.79
C LEU A 28 -4.77 -14.46 4.39
N MET A 29 -5.85 -14.50 3.62
CA MET A 29 -6.41 -15.75 3.16
C MET A 29 -5.89 -16.10 1.78
N ALA A 30 -5.35 -17.32 1.63
CA ALA A 30 -4.82 -17.77 0.35
C ALA A 30 -6.00 -17.93 -0.60
N ALA A 31 -5.91 -17.31 -1.78
CA ALA A 31 -7.03 -17.38 -2.73
C ALA A 31 -6.65 -17.89 -4.12
N GLY A 32 -5.95 -19.02 -4.17
CA GLY A 32 -5.56 -19.59 -5.45
C GLY A 32 -4.51 -18.81 -6.22
N SER A 33 -4.61 -18.86 -7.54
CA SER A 33 -3.63 -18.18 -8.38
C SER A 33 -4.23 -17.62 -9.66
N ALA A 34 -3.46 -16.73 -10.29
CA ALA A 34 -3.85 -16.11 -11.53
C ALA A 34 -2.56 -16.07 -12.33
N GLY A 35 -2.42 -17.00 -13.27
CA GLY A 35 -1.20 -17.06 -14.05
C GLY A 35 -0.15 -17.63 -13.12
N ASP A 36 1.02 -17.02 -13.03
CA ASP A 36 2.04 -17.52 -12.12
C ASP A 36 2.05 -16.71 -10.83
N ALA A 37 0.96 -15.99 -10.58
CA ALA A 37 0.83 -15.18 -9.38
C ALA A 37 -0.12 -15.84 -8.39
N ALA A 38 0.34 -15.96 -7.15
CA ALA A 38 -0.46 -16.54 -6.07
C ALA A 38 -1.29 -15.39 -5.53
N LEU A 39 -2.58 -15.61 -5.31
CA LEU A 39 -3.45 -14.54 -4.83
C LEU A 39 -3.80 -14.66 -3.35
N TYR A 40 -3.94 -13.50 -2.70
CA TYR A 40 -4.26 -13.46 -1.29
C TYR A 40 -5.39 -12.48 -1.05
N ARG A 41 -6.28 -12.82 -0.12
CA ARG A 41 -7.44 -11.99 0.20
C ARG A 41 -7.39 -11.40 1.60
N ALA A 42 -8.05 -10.26 1.78
CA ALA A 42 -8.13 -9.57 3.07
C ALA A 42 -9.59 -9.25 3.35
N ASP A 43 -10.45 -9.48 2.36
CA ASP A 43 -11.87 -9.21 2.50
C ASP A 43 -12.69 -9.84 1.38
N GLN A 44 -13.76 -9.18 0.97
CA GLN A 44 -14.65 -9.69 -0.08
C GLN A 44 -14.13 -9.67 -1.52
N ARG A 45 -13.06 -8.91 -1.77
CA ARG A 45 -12.49 -8.86 -3.12
C ARG A 45 -11.91 -10.22 -3.43
N ALA A 46 -11.95 -10.62 -4.70
CA ALA A 46 -11.43 -11.90 -5.13
C ALA A 46 -9.93 -12.00 -4.80
N TRP A 47 -9.26 -10.86 -4.74
CA TRP A 47 -7.85 -10.80 -4.38
C TRP A 47 -7.47 -9.36 -4.03
N ARG A 48 -6.44 -9.22 -3.22
CA ARG A 48 -5.97 -7.90 -2.80
C ARG A 48 -4.47 -7.80 -3.04
N ILE A 49 -3.77 -8.90 -2.82
CA ILE A 49 -2.32 -8.93 -3.01
C ILE A 49 -1.92 -10.14 -3.83
N ALA A 50 -1.08 -9.88 -4.83
CA ALA A 50 -0.60 -10.94 -5.71
C ALA A 50 0.90 -11.04 -5.53
N VAL A 51 1.41 -12.27 -5.60
CA VAL A 51 2.84 -12.52 -5.45
C VAL A 51 3.30 -13.43 -6.57
N GLN A 52 4.23 -12.96 -7.38
CA GLN A 52 4.75 -13.75 -8.50
C GLN A 52 6.28 -13.84 -8.39
N PRO A 53 6.87 -14.84 -9.05
CA PRO A 53 8.34 -14.99 -9.01
C PRO A 53 9.05 -13.88 -9.78
N GLY A 54 10.18 -13.41 -9.26
CA GLY A 54 10.91 -12.36 -9.94
C GLY A 54 12.11 -11.88 -9.16
N GLU A 55 13.17 -11.47 -9.87
CA GLU A 55 14.41 -10.99 -9.26
C GLU A 55 14.28 -9.63 -8.58
N LEU A 56 13.23 -8.90 -8.94
CA LEU A 56 12.97 -7.57 -8.40
C LEU A 56 12.88 -7.54 -6.87
N ASP A 57 12.22 -8.53 -6.28
CA ASP A 57 12.05 -8.57 -4.82
C ASP A 57 11.55 -7.19 -4.39
N ASP A 58 10.58 -6.68 -5.14
CA ASP A 58 10.01 -5.36 -4.88
C ASP A 58 8.56 -5.33 -5.32
N LEU A 59 7.93 -4.16 -5.23
CA LEU A 59 6.55 -4.00 -5.67
C LEU A 59 6.56 -3.99 -7.21
N ALA A 60 5.78 -4.87 -7.81
CA ALA A 60 5.71 -4.95 -9.27
C ALA A 60 4.73 -3.97 -9.89
N TYR A 61 3.61 -3.73 -9.20
CA TYR A 61 2.59 -2.79 -9.70
C TYR A 61 1.59 -2.47 -8.58
N ALA A 62 0.82 -1.40 -8.78
CA ALA A 62 -0.20 -0.98 -7.82
C ALA A 62 -1.50 -0.63 -8.54
N GLY A 63 -2.62 -1.16 -8.04
CA GLY A 63 -3.90 -0.90 -8.65
C GLY A 63 -4.62 0.26 -8.00
N LEU A 64 -4.89 1.30 -8.79
CA LEU A 64 -5.60 2.49 -8.33
C LEU A 64 -7.04 2.43 -8.84
N GLU A 65 -7.97 2.41 -7.89
CA GLU A 65 -9.40 2.26 -8.18
C GLU A 65 -10.25 3.52 -8.32
N VAL A 66 -11.12 3.50 -9.34
CA VAL A 66 -12.09 4.58 -9.56
C VAL A 66 -13.44 3.87 -9.42
N ASP A 67 -14.52 4.63 -9.27
CA ASP A 67 -15.84 4.03 -9.04
C ASP A 67 -16.66 3.51 -10.21
N ASP A 68 -16.29 3.86 -11.44
CA ASP A 68 -17.05 3.41 -12.59
C ASP A 68 -16.33 3.61 -13.91
N ALA A 69 -17.01 3.18 -14.98
CA ALA A 69 -16.49 3.27 -16.34
C ALA A 69 -16.23 4.70 -16.82
N ALA A 70 -17.18 5.58 -16.54
CA ALA A 70 -17.04 6.98 -16.92
C ALA A 70 -15.80 7.54 -16.23
N ALA A 71 -15.69 7.28 -14.93
CA ALA A 71 -14.56 7.77 -14.14
C ALA A 71 -13.21 7.33 -14.73
N LEU A 72 -13.17 6.12 -15.30
CA LEU A 72 -11.94 5.63 -15.88
C LEU A 72 -11.60 6.39 -17.15
N GLU A 73 -12.64 6.77 -17.90
CA GLU A 73 -12.44 7.51 -19.14
C GLU A 73 -11.97 8.92 -18.81
N ARG A 74 -12.43 9.43 -17.67
CA ARG A 74 -12.04 10.76 -17.21
C ARG A 74 -10.58 10.75 -16.78
N MET A 75 -10.12 9.60 -16.27
CA MET A 75 -8.72 9.46 -15.86
C MET A 75 -7.88 9.42 -17.14
N ALA A 76 -8.37 8.70 -18.15
CA ALA A 76 -7.66 8.61 -19.43
C ALA A 76 -7.53 10.01 -20.03
N ASP A 77 -8.56 10.83 -19.85
CA ASP A 77 -8.54 12.19 -20.36
C ASP A 77 -7.49 13.03 -19.62
N LYS A 78 -7.38 12.80 -18.32
CA LYS A 78 -6.40 13.51 -17.49
C LYS A 78 -4.97 13.13 -17.92
N LEU A 79 -4.72 11.84 -18.06
CA LEU A 79 -3.39 11.37 -18.47
C LEU A 79 -3.05 12.00 -19.82
N ARG A 80 -4.00 11.93 -20.74
CA ARG A 80 -3.86 12.47 -22.09
C ARG A 80 -3.44 13.94 -22.04
N GLN A 81 -4.18 14.73 -21.27
CA GLN A 81 -3.91 16.16 -21.13
C GLN A 81 -2.54 16.42 -20.49
N ALA A 82 -2.22 15.65 -19.47
CA ALA A 82 -0.95 15.80 -18.76
C ALA A 82 0.22 15.27 -19.58
N GLY A 83 -0.09 14.63 -20.71
CA GLY A 83 0.96 14.08 -21.55
C GLY A 83 1.56 12.81 -20.98
N VAL A 84 0.83 12.12 -20.12
CA VAL A 84 1.31 10.89 -19.52
C VAL A 84 0.93 9.69 -20.38
N ALA A 85 1.94 8.92 -20.77
CA ALA A 85 1.74 7.76 -21.61
C ALA A 85 1.05 6.65 -20.84
N PHE A 86 0.12 5.98 -21.50
CA PHE A 86 -0.62 4.89 -20.89
C PHE A 86 -1.19 3.98 -21.98
N THR A 87 -1.55 2.76 -21.58
CA THR A 87 -2.12 1.78 -22.48
C THR A 87 -3.34 1.15 -21.84
N ARG A 88 -4.35 0.87 -22.65
CA ARG A 88 -5.56 0.25 -22.14
C ARG A 88 -5.27 -1.25 -22.01
N GLY A 89 -5.60 -1.82 -20.85
CA GLY A 89 -5.36 -3.24 -20.67
C GLY A 89 -6.23 -4.07 -21.59
N ASP A 90 -5.62 -5.04 -22.28
CA ASP A 90 -6.37 -5.88 -23.19
C ASP A 90 -7.26 -6.84 -22.40
N GLU A 91 -8.06 -7.63 -23.10
CA GLU A 91 -8.98 -8.57 -22.46
C GLU A 91 -8.27 -9.51 -21.49
N ALA A 92 -7.13 -10.05 -21.91
CA ALA A 92 -6.35 -10.97 -21.09
C ALA A 92 -5.93 -10.35 -19.76
N LEU A 93 -5.46 -9.10 -19.80
CA LEU A 93 -5.04 -8.43 -18.57
C LEU A 93 -6.26 -8.16 -17.69
N MET A 94 -7.37 -7.79 -18.31
CA MET A 94 -8.58 -7.52 -17.56
C MET A 94 -9.02 -8.80 -16.82
N GLN A 95 -8.88 -9.93 -17.52
CA GLN A 95 -9.23 -11.24 -16.96
C GLN A 95 -8.28 -11.62 -15.83
N GLN A 96 -6.99 -11.44 -16.08
CA GLN A 96 -5.96 -11.75 -15.10
C GLN A 96 -6.14 -10.93 -13.81
N ARG A 97 -6.44 -9.64 -13.94
CA ARG A 97 -6.64 -8.77 -12.77
C ARG A 97 -8.07 -8.85 -12.21
N LYS A 98 -8.99 -9.41 -13.00
CA LYS A 98 -10.39 -9.54 -12.62
C LYS A 98 -11.04 -8.16 -12.45
N VAL A 99 -10.82 -7.29 -13.43
CA VAL A 99 -11.39 -5.94 -13.41
C VAL A 99 -12.14 -5.70 -14.71
N MET A 100 -13.09 -4.76 -14.71
CA MET A 100 -13.88 -4.47 -15.89
C MET A 100 -13.18 -3.56 -16.92
N GLY A 101 -12.15 -2.85 -16.48
CA GLY A 101 -11.43 -1.97 -17.37
C GLY A 101 -10.25 -1.40 -16.64
N LEU A 102 -9.15 -1.15 -17.35
CA LEU A 102 -7.97 -0.60 -16.71
C LEU A 102 -6.98 0.05 -17.68
N LEU A 103 -6.30 1.07 -17.17
CA LEU A 103 -5.29 1.80 -17.92
C LEU A 103 -3.96 1.48 -17.24
N CYS A 104 -2.96 1.15 -18.02
CA CYS A 104 -1.65 0.83 -17.51
C CYS A 104 -0.69 1.99 -17.78
N LEU A 105 0.03 2.43 -16.76
CA LEU A 105 0.98 3.52 -16.89
C LEU A 105 2.06 3.37 -15.83
N GLN A 106 2.89 4.39 -15.68
CA GLN A 106 3.95 4.37 -14.68
C GLN A 106 4.06 5.74 -14.02
N ASP A 107 4.49 5.80 -12.76
CA ASP A 107 4.65 7.09 -12.15
C ASP A 107 5.95 7.65 -12.72
N PRO A 108 6.29 8.91 -12.42
CA PRO A 108 7.53 9.46 -12.98
C PRO A 108 8.82 8.65 -12.79
N PHE A 109 8.85 7.75 -11.82
CA PHE A 109 10.07 7.00 -11.56
C PHE A 109 10.04 5.49 -11.72
N GLY A 110 9.21 5.01 -12.63
CA GLY A 110 9.19 3.59 -12.92
C GLY A 110 8.22 2.64 -12.25
N LEU A 111 7.41 3.13 -11.32
CA LEU A 111 6.47 2.23 -10.68
C LEU A 111 5.25 2.03 -11.58
N PRO A 112 5.04 0.80 -12.07
CA PRO A 112 3.88 0.56 -12.93
C PRO A 112 2.59 0.76 -12.14
N LEU A 113 1.67 1.54 -12.71
CA LEU A 113 0.39 1.81 -12.05
C LEU A 113 -0.75 1.38 -12.97
N GLU A 114 -1.80 0.83 -12.38
CA GLU A 114 -2.95 0.40 -13.14
C GLU A 114 -4.20 1.02 -12.56
N ILE A 115 -4.81 1.93 -13.32
CA ILE A 115 -6.04 2.57 -12.89
C ILE A 115 -7.14 1.65 -13.40
N TYR A 116 -8.00 1.21 -12.49
CA TYR A 116 -9.04 0.29 -12.87
C TYR A 116 -10.41 0.58 -12.26
N TYR A 117 -11.40 -0.17 -12.71
CA TYR A 117 -12.75 -0.04 -12.20
C TYR A 117 -13.46 -1.40 -12.32
N GLY A 118 -14.55 -1.57 -11.56
CA GLY A 118 -15.31 -2.80 -11.60
C GLY A 118 -14.58 -4.05 -11.14
N PRO A 119 -14.03 -4.05 -9.92
CA PRO A 119 -13.31 -5.24 -9.44
C PRO A 119 -14.24 -6.41 -9.09
N ALA A 120 -13.69 -7.61 -9.07
CA ALA A 120 -14.46 -8.80 -8.74
C ALA A 120 -14.57 -9.06 -7.24
N GLU A 121 -15.77 -9.43 -6.80
CA GLU A 121 -16.01 -9.73 -5.40
C GLU A 121 -16.60 -11.15 -5.30
N ILE A 122 -16.32 -11.85 -4.20
CA ILE A 122 -16.82 -13.21 -4.04
C ILE A 122 -17.41 -13.44 -2.66
N PHE A 123 -18.57 -12.83 -2.41
CA PHE A 123 -19.26 -12.94 -1.13
C PHE A 123 -19.71 -14.36 -0.83
N HIS A 124 -19.80 -15.21 -1.85
CA HIS A 124 -20.22 -16.60 -1.65
C HIS A 124 -19.07 -17.45 -1.12
N GLU A 125 -17.91 -16.83 -1.00
CA GLU A 125 -16.71 -17.49 -0.46
C GLU A 125 -16.15 -16.55 0.59
N PRO A 126 -16.85 -16.45 1.73
CA PRO A 126 -16.51 -15.59 2.86
C PRO A 126 -15.04 -15.63 3.27
N PHE A 127 -14.48 -14.45 3.52
CA PHE A 127 -13.09 -14.33 3.92
C PHE A 127 -12.82 -15.14 5.19
N LEU A 128 -11.72 -15.89 5.18
CA LEU A 128 -11.32 -16.71 6.32
C LEU A 128 -9.83 -16.48 6.53
N PRO A 129 -9.46 -15.75 7.61
CA PRO A 129 -8.04 -15.50 7.85
C PRO A 129 -7.22 -16.78 8.08
N SER A 130 -5.95 -16.72 7.69
CA SER A 130 -5.03 -17.86 7.86
C SER A 130 -4.35 -17.81 9.23
N ALA A 131 -4.55 -16.71 9.96
CA ALA A 131 -3.98 -16.53 11.29
C ALA A 131 -5.00 -15.73 12.10
N PRO A 132 -4.90 -15.77 13.44
CA PRO A 132 -5.84 -15.02 14.28
C PRO A 132 -5.82 -13.49 14.16
N VAL A 133 -6.70 -12.97 13.30
CA VAL A 133 -6.87 -11.55 13.08
C VAL A 133 -8.37 -11.42 12.87
N SER A 134 -9.01 -10.51 13.59
CA SER A 134 -10.45 -10.36 13.50
C SER A 134 -10.97 -9.83 12.17
N GLY A 135 -10.11 -9.12 11.43
CA GLY A 135 -10.53 -8.57 10.16
C GLY A 135 -9.68 -7.36 9.81
N PHE A 136 -9.81 -6.88 8.57
CA PHE A 136 -9.05 -5.72 8.15
C PHE A 136 -9.96 -4.55 7.80
N VAL A 137 -9.45 -3.33 8.01
CA VAL A 137 -10.19 -2.13 7.70
C VAL A 137 -9.85 -1.73 6.26
N THR A 138 -10.78 -2.00 5.35
CA THR A 138 -10.56 -1.68 3.95
C THR A 138 -11.74 -0.84 3.50
N GLY A 139 -12.68 -1.45 2.78
CA GLY A 139 -13.83 -0.71 2.33
C GLY A 139 -13.48 0.47 1.46
N ASP A 140 -14.11 1.61 1.71
CA ASP A 140 -13.86 2.79 0.89
C ASP A 140 -12.44 3.32 0.98
N GLN A 141 -11.73 2.98 2.05
CA GLN A 141 -10.36 3.45 2.23
C GLN A 141 -9.34 2.58 1.51
N GLY A 142 -9.81 1.60 0.76
CA GLY A 142 -8.91 0.73 0.05
C GLY A 142 -8.19 -0.29 0.91
N ILE A 143 -7.19 -0.94 0.31
CA ILE A 143 -6.42 -1.98 0.99
C ILE A 143 -5.50 -1.50 2.11
N GLY A 144 -5.04 -0.26 2.02
CA GLY A 144 -4.15 0.28 3.04
C GLY A 144 -3.30 1.36 2.39
N HIS A 145 -2.01 1.41 2.72
CA HIS A 145 -1.11 2.41 2.13
C HIS A 145 0.32 1.89 1.98
N PHE A 146 1.15 2.71 1.32
CA PHE A 146 2.55 2.37 1.13
C PHE A 146 3.38 3.63 0.93
N VAL A 147 4.66 3.52 1.32
CA VAL A 147 5.59 4.62 1.18
C VAL A 147 6.44 4.41 -0.07
N ARG A 148 6.25 5.31 -1.03
CA ARG A 148 6.96 5.27 -2.30
C ARG A 148 8.25 6.05 -2.21
N CYS A 149 9.37 5.38 -2.50
CA CYS A 149 10.68 6.04 -2.47
C CYS A 149 10.85 6.74 -3.81
N VAL A 150 11.29 8.00 -3.77
CA VAL A 150 11.49 8.76 -5.00
C VAL A 150 12.78 9.58 -4.95
N PRO A 151 13.42 9.78 -6.10
CA PRO A 151 14.67 10.55 -6.16
C PRO A 151 14.39 12.05 -6.09
N ASP A 152 13.16 12.43 -6.47
CA ASP A 152 12.74 13.83 -6.51
C ASP A 152 11.30 13.94 -6.00
N THR A 153 11.15 14.33 -4.74
CA THR A 153 9.81 14.45 -4.14
C THR A 153 8.92 15.51 -4.77
N ALA A 154 9.49 16.59 -5.25
CA ALA A 154 8.71 17.66 -5.89
C ALA A 154 8.10 17.17 -7.20
N LYS A 155 8.89 16.40 -7.95
CA LYS A 155 8.44 15.85 -9.22
C LYS A 155 7.36 14.79 -8.98
N ALA A 156 7.57 13.97 -7.95
CA ALA A 156 6.61 12.93 -7.61
C ALA A 156 5.31 13.58 -7.16
N MET A 157 5.43 14.61 -6.31
CA MET A 157 4.27 15.32 -5.78
C MET A 157 3.41 15.91 -6.90
N ALA A 158 4.03 16.57 -7.86
CA ALA A 158 3.30 17.14 -8.97
C ALA A 158 2.47 16.09 -9.70
N PHE A 159 3.07 14.94 -9.97
CA PHE A 159 2.37 13.86 -10.67
C PHE A 159 1.19 13.28 -9.88
N TYR A 160 1.43 12.91 -8.63
CA TYR A 160 0.39 12.31 -7.80
C TYR A 160 -0.77 13.22 -7.43
N THR A 161 -0.50 14.50 -7.21
CA THR A 161 -1.58 15.42 -6.86
C THR A 161 -2.21 15.99 -8.12
N GLU A 162 -1.38 16.59 -8.98
CA GLU A 162 -1.87 17.20 -10.21
C GLU A 162 -2.45 16.26 -11.25
N VAL A 163 -1.83 15.11 -11.47
CA VAL A 163 -2.35 14.16 -12.46
C VAL A 163 -3.32 13.11 -11.89
N LEU A 164 -2.97 12.52 -10.76
CA LEU A 164 -3.81 11.48 -10.18
C LEU A 164 -4.85 11.96 -9.17
N GLY A 165 -4.70 13.20 -8.71
CA GLY A 165 -5.67 13.76 -7.77
C GLY A 165 -5.48 13.53 -6.27
N PHE A 166 -4.33 13.04 -5.85
CA PHE A 166 -4.10 12.81 -4.42
C PHE A 166 -3.99 14.18 -3.76
N VAL A 167 -4.24 14.24 -2.45
CA VAL A 167 -4.16 15.51 -1.72
C VAL A 167 -3.20 15.40 -0.54
N LEU A 168 -2.35 16.41 -0.35
CA LEU A 168 -1.39 16.37 0.73
C LEU A 168 -2.09 16.47 2.08
N SER A 169 -1.74 15.54 2.97
CA SER A 169 -2.30 15.51 4.32
C SER A 169 -1.38 16.33 5.22
N ASP A 170 -0.12 15.94 5.27
CA ASP A 170 0.86 16.64 6.08
C ASP A 170 2.26 16.19 5.69
N ILE A 171 3.26 16.71 6.41
CA ILE A 171 4.65 16.38 6.16
C ILE A 171 5.35 16.06 7.48
N ILE A 172 6.26 15.10 7.44
CA ILE A 172 7.03 14.74 8.62
C ILE A 172 8.50 14.78 8.22
N ASP A 173 9.30 15.56 8.92
CA ASP A 173 10.71 15.63 8.62
C ASP A 173 11.36 14.46 9.34
N ILE A 174 11.80 13.48 8.56
CA ILE A 174 12.41 12.29 9.12
C ILE A 174 13.92 12.44 9.26
N GLN A 175 14.37 12.55 10.52
CA GLN A 175 15.79 12.69 10.80
C GLN A 175 16.55 11.51 10.26
N MET A 176 17.46 11.79 9.34
CA MET A 176 18.29 10.77 8.71
C MET A 176 19.73 10.92 9.17
N GLY A 177 19.91 11.46 10.39
CA GLY A 177 21.24 11.65 10.91
C GLY A 177 21.31 12.95 11.69
N PRO A 178 22.51 13.38 12.11
CA PRO A 178 22.67 14.63 12.85
C PRO A 178 22.25 15.87 12.09
N GLU A 179 22.67 15.97 10.83
CA GLU A 179 22.35 17.12 10.00
C GLU A 179 21.64 16.72 8.70
N THR A 180 20.99 15.54 8.71
CA THR A 180 20.27 15.03 7.55
C THR A 180 18.81 14.77 7.90
N SER A 181 17.91 15.30 7.08
CA SER A 181 16.47 15.12 7.29
C SER A 181 15.76 14.99 5.94
N VAL A 182 14.81 14.06 5.88
CA VAL A 182 14.04 13.83 4.67
C VAL A 182 12.57 14.18 4.91
N PRO A 183 12.03 15.13 4.12
CA PRO A 183 10.62 15.52 4.29
C PRO A 183 9.69 14.53 3.60
N ALA A 184 9.03 13.69 4.39
CA ALA A 184 8.11 12.71 3.85
C ALA A 184 6.76 13.38 3.64
N HIS A 185 6.17 13.21 2.46
CA HIS A 185 4.87 13.82 2.17
C HIS A 185 3.78 12.75 2.16
N PHE A 186 2.76 12.96 2.98
CA PHE A 186 1.66 12.00 3.08
C PHE A 186 0.45 12.45 2.26
N LEU A 187 -0.01 11.57 1.38
CA LEU A 187 -1.13 11.89 0.52
C LEU A 187 -2.36 10.98 0.68
N HIS A 188 -3.53 11.59 0.62
CA HIS A 188 -4.78 10.84 0.73
C HIS A 188 -5.62 11.07 -0.52
N CYS A 189 -6.56 10.16 -0.75
CA CYS A 189 -7.47 10.24 -1.88
C CYS A 189 -8.84 9.77 -1.38
N ASN A 190 -8.95 9.65 -0.06
CA ASN A 190 -10.18 9.25 0.61
C ASN A 190 -10.04 9.44 2.13
N GLY A 191 -10.83 8.70 2.90
CA GLY A 191 -10.79 8.83 4.35
C GLY A 191 -9.50 8.42 5.03
N ARG A 192 -8.74 7.51 4.42
CA ARG A 192 -7.47 7.07 5.00
C ARG A 192 -6.49 8.24 5.04
N HIS A 193 -6.00 8.58 6.23
CA HIS A 193 -5.06 9.69 6.39
C HIS A 193 -4.12 9.76 5.18
N HIS A 194 -3.54 8.63 4.81
CA HIS A 194 -2.72 8.61 3.62
C HIS A 194 -2.73 7.23 2.99
N THR A 195 -2.78 7.24 1.66
CA THR A 195 -2.81 6.02 0.86
C THR A 195 -1.42 5.84 0.25
N ILE A 196 -0.73 6.96 0.02
CA ILE A 196 0.61 6.96 -0.54
C ILE A 196 1.42 8.11 0.06
N ALA A 197 2.65 7.81 0.46
CA ALA A 197 3.54 8.82 1.01
C ALA A 197 4.79 8.83 0.13
N LEU A 198 5.34 10.02 -0.10
CA LEU A 198 6.54 10.14 -0.91
C LEU A 198 7.70 10.59 -0.01
N ALA A 199 8.84 9.93 -0.15
CA ALA A 199 10.02 10.26 0.64
C ALA A 199 11.28 9.97 -0.16
N ALA A 200 12.22 10.91 -0.12
CA ALA A 200 13.49 10.76 -0.83
C ALA A 200 14.49 9.96 0.02
N PHE A 201 14.18 8.70 0.29
CA PHE A 201 15.04 7.85 1.09
C PHE A 201 16.16 7.19 0.29
N PRO A 202 17.34 7.01 0.93
CA PRO A 202 18.50 6.39 0.27
C PRO A 202 18.34 4.87 0.29
N ILE A 203 17.24 4.38 -0.29
CA ILE A 203 16.98 2.95 -0.34
C ILE A 203 16.79 2.50 -1.80
N PRO A 204 17.31 1.30 -2.15
CA PRO A 204 17.23 0.73 -3.50
C PRO A 204 15.88 0.12 -3.90
N LYS A 205 14.84 0.38 -3.13
CA LYS A 205 13.53 -0.18 -3.43
C LYS A 205 12.51 0.85 -3.90
N ARG A 206 11.46 0.35 -4.55
CA ARG A 206 10.41 1.23 -5.06
C ARG A 206 9.60 1.75 -3.89
N ILE A 207 9.53 0.97 -2.83
CA ILE A 207 8.78 1.35 -1.64
C ILE A 207 9.55 0.96 -0.40
N HIS A 208 9.26 1.65 0.69
CA HIS A 208 9.90 1.37 1.97
C HIS A 208 9.09 0.31 2.72
N HIS A 209 7.76 0.37 2.57
CA HIS A 209 6.87 -0.59 3.21
C HIS A 209 5.42 -0.37 2.78
N PHE A 210 4.58 -1.36 3.07
CA PHE A 210 3.15 -1.26 2.78
C PHE A 210 2.48 -1.50 4.11
N MET A 211 1.28 -0.97 4.28
CA MET A 211 0.56 -1.10 5.53
C MET A 211 -0.83 -1.70 5.42
N LEU A 212 -1.17 -2.51 6.40
CA LEU A 212 -2.49 -3.14 6.48
C LEU A 212 -3.07 -2.73 7.84
N GLN A 213 -4.35 -2.40 7.86
CA GLN A 213 -5.02 -1.98 9.10
C GLN A 213 -5.96 -3.07 9.62
N ALA A 214 -5.73 -3.52 10.85
CA ALA A 214 -6.57 -4.54 11.47
C ALA A 214 -7.69 -3.87 12.25
N ASN A 215 -8.70 -4.66 12.61
CA ASN A 215 -9.87 -4.14 13.34
C ASN A 215 -9.66 -3.83 14.82
N THR A 216 -8.86 -4.63 15.52
CA THR A 216 -8.64 -4.40 16.95
C THR A 216 -7.18 -4.26 17.35
N ILE A 217 -6.95 -3.76 18.56
CA ILE A 217 -5.58 -3.60 19.04
C ILE A 217 -4.96 -4.97 19.32
N ASP A 218 -5.79 -5.92 19.74
CA ASP A 218 -5.30 -7.26 20.02
C ASP A 218 -4.81 -7.90 18.72
N ASP A 219 -5.44 -7.56 17.60
CA ASP A 219 -5.04 -8.09 16.30
C ASP A 219 -3.56 -7.76 16.09
N VAL A 220 -3.20 -6.51 16.38
CA VAL A 220 -1.82 -6.03 16.24
C VAL A 220 -0.89 -6.68 17.26
N GLY A 221 -1.36 -6.79 18.51
CA GLY A 221 -0.56 -7.39 19.57
C GLY A 221 -0.25 -8.85 19.27
N TYR A 222 -1.25 -9.57 18.77
CA TYR A 222 -1.07 -10.97 18.43
C TYR A 222 -0.12 -11.06 17.21
N ALA A 223 -0.36 -10.19 16.23
CA ALA A 223 0.45 -10.16 15.02
C ALA A 223 1.93 -9.95 15.31
N PHE A 224 2.24 -9.04 16.24
CA PHE A 224 3.63 -8.75 16.62
C PHE A 224 4.30 -10.01 17.15
N ASP A 225 3.59 -10.78 17.98
CA ASP A 225 4.15 -12.01 18.53
C ASP A 225 4.36 -13.02 17.42
N ARG A 226 3.45 -13.08 16.46
CA ARG A 226 3.60 -14.01 15.35
C ARG A 226 4.84 -13.66 14.53
N LEU A 227 5.03 -12.39 14.21
CA LEU A 227 6.19 -11.98 13.42
C LEU A 227 7.49 -12.00 14.22
N ASP A 228 7.39 -11.92 15.55
CA ASP A 228 8.57 -11.95 16.39
C ASP A 228 9.10 -13.39 16.39
N ALA A 229 8.19 -14.34 16.43
CA ALA A 229 8.56 -15.76 16.40
C ALA A 229 9.22 -16.08 15.07
N ALA A 230 8.90 -15.30 14.04
CA ALA A 230 9.47 -15.51 12.72
C ALA A 230 10.79 -14.77 12.68
N GLY A 231 11.06 -14.00 13.73
CA GLY A 231 12.27 -13.21 13.83
C GLY A 231 12.32 -12.07 12.84
N ARG A 232 11.16 -11.51 12.48
CA ARG A 232 11.09 -10.44 11.49
C ARG A 232 10.80 -9.03 12.00
N ILE A 233 10.66 -8.87 13.32
CA ILE A 233 10.37 -7.57 13.88
C ILE A 233 11.48 -6.53 13.62
N THR A 234 11.08 -5.36 13.13
CA THR A 234 12.04 -4.28 12.86
C THR A 234 11.77 -3.07 13.76
N SER A 235 10.62 -3.06 14.40
CA SER A 235 10.25 -1.97 15.29
C SER A 235 9.33 -2.44 16.40
N LEU A 236 9.42 -1.76 17.55
CA LEU A 236 8.56 -2.10 18.68
C LEU A 236 7.24 -1.39 18.40
N LEU A 237 6.21 -1.73 19.17
CA LEU A 237 4.92 -1.11 18.99
C LEU A 237 5.07 0.40 19.20
N GLY A 238 4.28 1.17 18.46
CA GLY A 238 4.34 2.60 18.58
C GLY A 238 3.11 3.22 17.96
N ARG A 239 3.05 4.54 17.97
CA ARG A 239 1.94 5.26 17.39
C ARG A 239 2.50 6.46 16.64
N HIS A 240 2.08 6.63 15.40
CA HIS A 240 2.56 7.74 14.57
C HIS A 240 1.99 9.08 14.98
N THR A 241 2.77 10.13 14.72
CA THR A 241 2.38 11.50 15.05
C THR A 241 1.28 12.05 14.14
N ASN A 242 1.40 11.84 12.84
CA ASN A 242 0.42 12.36 11.90
C ASN A 242 -0.91 11.59 11.76
N ASP A 243 -0.87 10.29 11.44
CA ASP A 243 -2.11 9.54 11.28
C ASP A 243 -2.59 8.83 12.56
N GLN A 244 -1.74 8.83 13.59
CA GLN A 244 -2.10 8.19 14.85
C GLN A 244 -2.27 6.68 14.71
N THR A 245 -1.58 6.09 13.74
CA THR A 245 -1.67 4.65 13.57
C THR A 245 -0.82 4.02 14.66
N LEU A 246 -1.41 3.07 15.38
CA LEU A 246 -0.69 2.35 16.42
C LEU A 246 -0.22 1.09 15.70
N SER A 247 1.09 0.87 15.63
CA SER A 247 1.60 -0.26 14.89
C SER A 247 3.02 -0.69 15.22
N PHE A 248 3.48 -1.70 14.49
CA PHE A 248 4.83 -2.22 14.59
C PHE A 248 5.23 -2.55 13.17
N TYR A 249 6.54 -2.61 12.91
CA TYR A 249 7.04 -2.93 11.58
C TYR A 249 7.77 -4.25 11.58
N ALA A 250 7.87 -4.87 10.42
CA ALA A 250 8.55 -6.15 10.31
C ALA A 250 9.05 -6.32 8.89
N ASP A 251 10.09 -7.12 8.74
CA ASP A 251 10.66 -7.38 7.43
C ASP A 251 9.83 -8.40 6.66
N THR A 252 9.73 -8.21 5.35
CA THR A 252 9.02 -9.16 4.51
C THR A 252 10.20 -10.04 4.03
N PRO A 253 9.92 -11.16 3.34
CA PRO A 253 11.03 -11.99 2.87
C PRO A 253 11.88 -11.27 1.80
N SER A 254 11.41 -10.10 1.38
CA SER A 254 12.14 -9.31 0.38
C SER A 254 13.01 -8.29 1.11
N PRO A 255 14.33 -8.46 1.04
CA PRO A 255 15.27 -7.55 1.70
C PRO A 255 15.00 -6.06 1.45
N MET A 256 15.00 -5.29 2.54
CA MET A 256 14.78 -3.84 2.53
C MET A 256 13.35 -3.36 2.31
N ILE A 257 12.40 -4.29 2.34
CA ILE A 257 10.99 -3.94 2.20
C ILE A 257 10.33 -4.45 3.46
N GLU A 258 9.59 -3.58 4.12
CA GLU A 258 8.94 -3.93 5.36
C GLU A 258 7.42 -3.90 5.25
N VAL A 259 6.78 -4.40 6.30
CA VAL A 259 5.33 -4.38 6.39
C VAL A 259 4.99 -3.68 7.70
N GLU A 260 3.88 -2.95 7.70
CA GLU A 260 3.43 -2.27 8.91
C GLU A 260 2.04 -2.82 9.19
N PHE A 261 1.83 -3.25 10.43
CA PHE A 261 0.56 -3.81 10.87
C PHE A 261 0.04 -2.89 11.98
N GLY A 262 -1.03 -2.15 11.69
CA GLY A 262 -1.54 -1.22 12.67
C GLY A 262 -3.02 -1.22 12.95
N TRP A 263 -3.43 -0.28 13.81
CA TRP A 263 -4.81 -0.15 14.22
C TRP A 263 -5.12 1.29 14.65
N GLY A 264 -6.42 1.60 14.63
CA GLY A 264 -6.91 2.91 15.07
C GLY A 264 -6.31 4.22 14.64
N PRO A 265 -6.11 4.43 13.32
CA PRO A 265 -5.55 5.72 12.90
C PRO A 265 -6.64 6.79 12.84
N ARG A 266 -6.24 8.02 12.63
CA ARG A 266 -7.17 9.13 12.51
C ARG A 266 -7.58 9.15 11.04
N THR A 267 -8.78 9.61 10.72
CA THR A 267 -9.18 9.66 9.32
C THR A 267 -9.28 11.11 8.85
N VAL A 268 -9.23 11.33 7.55
CA VAL A 268 -9.32 12.70 7.05
C VAL A 268 -10.66 13.01 6.43
N ASP A 269 -10.92 14.31 6.28
CA ASP A 269 -12.16 14.78 5.67
C ASP A 269 -11.90 16.12 5.01
N SER A 270 -12.95 16.77 4.53
CA SER A 270 -12.83 18.06 3.85
C SER A 270 -12.17 19.14 4.72
N SER A 271 -12.49 19.15 6.01
CA SER A 271 -11.95 20.15 6.93
C SER A 271 -10.49 19.94 7.32
N TRP A 272 -9.86 18.90 6.80
CA TRP A 272 -8.47 18.62 7.14
C TRP A 272 -7.53 19.78 6.85
N THR A 273 -6.56 20.01 7.73
CA THR A 273 -5.60 21.09 7.54
C THR A 273 -4.15 20.57 7.55
N VAL A 274 -3.37 20.99 6.56
CA VAL A 274 -1.97 20.57 6.43
C VAL A 274 -1.14 21.03 7.64
N ALA A 275 -0.32 20.12 8.16
CA ALA A 275 0.54 20.42 9.30
C ALA A 275 1.92 19.79 9.14
N ARG A 276 2.83 20.14 10.04
CA ARG A 276 4.18 19.60 9.98
C ARG A 276 4.63 18.98 11.30
N HIS A 277 5.31 17.84 11.22
CA HIS A 277 5.78 17.13 12.39
C HIS A 277 7.27 16.87 12.25
N SER A 278 7.98 16.88 13.37
CA SER A 278 9.43 16.66 13.39
C SER A 278 9.81 15.20 13.65
N ARG A 279 8.84 14.41 14.11
CA ARG A 279 9.07 13.01 14.42
C ARG A 279 7.95 12.18 13.81
N THR A 280 8.23 10.90 13.50
CA THR A 280 7.19 10.03 12.96
C THR A 280 6.53 9.32 14.13
N ALA A 281 7.25 9.25 15.25
CA ALA A 281 6.75 8.55 16.42
C ALA A 281 6.21 9.44 17.53
N MET A 282 4.93 9.26 17.83
CA MET A 282 4.24 9.97 18.91
C MET A 282 4.83 9.33 20.17
N TRP A 283 4.97 8.00 20.12
CA TRP A 283 5.58 7.21 21.19
C TRP A 283 5.88 5.82 20.62
N GLY A 284 6.82 5.11 21.25
CA GLY A 284 7.17 3.79 20.78
C GLY A 284 7.89 3.76 19.44
N HIS A 285 7.70 2.67 18.70
CA HIS A 285 8.33 2.51 17.39
C HIS A 285 9.87 2.41 17.50
N LYS A 286 10.37 2.10 18.68
CA LYS A 286 11.82 1.97 18.85
C LYS A 286 12.31 0.98 17.80
N SER A 287 13.34 1.35 17.05
CA SER A 287 13.88 0.47 16.02
C SER A 287 14.53 -0.76 16.64
N VAL A 288 14.33 -1.91 16.03
CA VAL A 288 14.89 -3.17 16.52
C VAL A 288 15.81 -3.80 15.48
N ARG A 289 17.05 -4.06 15.87
CA ARG A 289 18.01 -4.68 14.95
C ARG A 289 17.51 -6.06 14.56
FE FE B . 3.03 3.54 7.24
#